data_9HSH
#
_entry.id   9HSH
#
_cell.length_a   50.494
_cell.length_b   69.321
_cell.length_c   117.043
_cell.angle_alpha   90.000
_cell.angle_beta   90.000
_cell.angle_gamma   90.000
#
_symmetry.space_group_name_H-M   'I 2 2 2'
#
loop_
_entity.id
_entity.type
_entity.pdbx_description
1 polymer 'choline-phosphate cytidylyltransferase'
2 non-polymer "CYTIDINE-5'-TRIPHOSPHATE"
3 non-polymer 'MANGANESE (II) ION'
4 water water
#
_entity_poly.entity_id   1
_entity_poly.type   'polypeptide(L)'
_entity_poly.pdbx_seq_one_letter_code
;GHMAVPDDDDDDDNSNDESEYESSQMDSEKNKGSIKNSKNVVIYADGVYDMLHLGHMKQLEQAKKLFENTTLIVGVTSDN
ETKLFKGQVVQTLEERTETLKHIRWVDEIISPCPWVVTPEFLEKYKIDYVAHDDIPYANNQKEDIYAWLKRAGKFKATQR
TEGVSTTDLIVRILKNYED
;
_entity_poly.pdbx_strand_id   A
#
loop_
_chem_comp.id
_chem_comp.type
_chem_comp.name
_chem_comp.formula
CTP non-polymer CYTIDINE-5'-TRIPHOSPHATE 'C9 H16 N3 O14 P3'
MN non-polymer 'MANGANESE (II) ION' 'Mn 2'
#
# COMPACT_ATOMS: atom_id res chain seq x y z
N LYS A 39 -15.73 5.12 -16.58
CA LYS A 39 -15.32 3.72 -16.67
C LYS A 39 -14.09 3.45 -15.79
N ASN A 40 -13.22 4.44 -15.67
CA ASN A 40 -11.95 4.24 -14.98
C ASN A 40 -12.10 4.54 -13.49
N VAL A 41 -11.55 3.65 -12.65
CA VAL A 41 -11.75 3.65 -11.21
C VAL A 41 -10.42 3.91 -10.53
N VAL A 42 -10.40 4.86 -9.60
CA VAL A 42 -9.18 5.21 -8.87
C VAL A 42 -9.09 4.37 -7.60
N ILE A 43 -8.03 3.55 -7.51
CA ILE A 43 -7.75 2.72 -6.35
C ILE A 43 -6.59 3.35 -5.60
N TYR A 44 -6.67 3.33 -4.27
CA TYR A 44 -5.61 3.85 -3.43
C TYR A 44 -5.18 2.75 -2.49
N ALA A 45 -3.90 2.41 -2.52
CA ALA A 45 -3.30 1.42 -1.63
C ALA A 45 -2.19 2.11 -0.86
N ASP A 46 -2.24 2.04 0.47
CA ASP A 46 -1.20 2.67 1.27
C ASP A 46 -0.41 1.62 2.03
N GLY A 47 0.84 1.97 2.36
CA GLY A 47 1.58 1.16 3.30
C GLY A 47 2.98 1.68 3.50
N VAL A 48 3.75 0.91 4.26
CA VAL A 48 5.18 1.19 4.44
C VAL A 48 5.97 0.75 3.22
N TYR A 49 5.70 -0.45 2.71
CA TYR A 49 6.43 -1.02 1.57
C TYR A 49 7.93 -0.98 1.81
N ASP A 50 8.34 -1.36 3.03
CA ASP A 50 9.75 -1.51 3.33
C ASP A 50 10.30 -2.77 2.66
N MET A 51 11.53 -2.68 2.14
CA MET A 51 12.18 -3.80 1.48
C MET A 51 11.21 -4.60 0.62
N LEU A 52 10.77 -4.00 -0.48
CA LEU A 52 9.65 -4.53 -1.26
C LEU A 52 9.90 -5.99 -1.67
N HIS A 53 8.88 -6.84 -1.45
CA HIS A 53 8.95 -8.26 -1.77
C HIS A 53 7.69 -8.71 -2.50
N LEU A 54 7.66 -10.01 -2.83
CA LEU A 54 6.59 -10.58 -3.64
C LEU A 54 5.22 -10.32 -3.01
N GLY A 55 5.11 -10.44 -1.68
CA GLY A 55 3.85 -10.14 -1.01
C GLY A 55 3.31 -8.76 -1.34
N HIS A 56 4.17 -7.73 -1.22
CA HIS A 56 3.77 -6.37 -1.60
C HIS A 56 3.36 -6.33 -3.07
N MET A 57 4.19 -6.90 -3.94
CA MET A 57 3.91 -6.83 -5.37
C MET A 57 2.60 -7.55 -5.70
N LYS A 58 2.33 -8.67 -5.05
CA LYS A 58 1.05 -9.35 -5.29
C LYS A 58 -0.12 -8.49 -4.79
N GLN A 59 0.07 -7.77 -3.67
CA GLN A 59 -1.02 -6.91 -3.19
C GLN A 59 -1.31 -5.79 -4.16
N LEU A 60 -0.24 -5.21 -4.71
CA LEU A 60 -0.40 -4.15 -5.71
C LEU A 60 -1.09 -4.65 -6.96
N GLU A 61 -0.73 -5.86 -7.41
CA GLU A 61 -1.45 -6.46 -8.53
C GLU A 61 -2.94 -6.62 -8.21
N GLN A 62 -3.26 -7.13 -7.02
CA GLN A 62 -4.66 -7.29 -6.64
C GLN A 62 -5.40 -5.98 -6.74
N ALA A 63 -4.89 -4.99 -6.02
CA ALA A 63 -5.39 -3.62 -6.07
C ALA A 63 -5.63 -3.16 -7.50
N LYS A 64 -4.56 -3.19 -8.30
CA LYS A 64 -4.68 -2.76 -9.69
C LYS A 64 -5.78 -3.49 -10.43
N LYS A 65 -6.01 -4.75 -10.09
CA LYS A 65 -6.93 -5.58 -10.85
C LYS A 65 -8.32 -5.65 -10.21
N LEU A 66 -8.56 -4.87 -9.17
CA LEU A 66 -9.89 -4.85 -8.56
C LEU A 66 -10.99 -4.61 -9.61
N PHE A 67 -10.73 -3.77 -10.60
CA PHE A 67 -11.69 -3.47 -11.67
C PHE A 67 -11.01 -3.50 -13.03
N GLU A 68 -11.83 -3.49 -14.08
CA GLU A 68 -11.31 -3.61 -15.43
C GLU A 68 -10.36 -2.47 -15.76
N ASN A 69 -10.79 -1.23 -15.56
CA ASN A 69 -9.99 -0.05 -15.83
C ASN A 69 -9.79 0.71 -14.54
N THR A 70 -8.53 0.81 -14.11
CA THR A 70 -8.20 1.43 -12.84
C THR A 70 -6.98 2.32 -13.01
N THR A 71 -6.84 3.26 -12.09
CA THR A 71 -5.59 3.95 -11.80
C THR A 71 -5.21 3.56 -10.39
N LEU A 72 -4.03 2.98 -10.22
CA LEU A 72 -3.57 2.59 -8.89
C LEU A 72 -2.64 3.69 -8.38
N ILE A 73 -3.06 4.35 -7.30
CA ILE A 73 -2.25 5.31 -6.55
C ILE A 73 -1.72 4.57 -5.35
N VAL A 74 -0.42 4.70 -5.08
CA VAL A 74 0.20 4.11 -3.91
C VAL A 74 0.65 5.24 -3.00
N GLY A 75 0.31 5.14 -1.73
CA GLY A 75 0.77 6.05 -0.71
C GLY A 75 1.84 5.33 0.12
N VAL A 76 2.96 6.02 0.31
CA VAL A 76 4.09 5.49 1.07
C VAL A 76 4.20 6.32 2.34
N THR A 77 4.25 5.65 3.50
CA THR A 77 4.19 6.33 4.79
C THR A 77 5.55 6.94 5.14
N SER A 78 5.53 8.00 5.94
CA SER A 78 6.77 8.70 6.28
C SER A 78 7.60 7.89 7.26
N ASP A 79 8.90 8.21 7.33
CA ASP A 79 9.78 7.48 8.23
C ASP A 79 9.32 7.63 9.68
N ASN A 80 9.10 8.87 10.12
CA ASN A 80 8.86 9.09 11.55
C ASN A 80 7.47 8.64 11.97
N GLU A 81 6.47 8.75 11.09
CA GLU A 81 5.15 8.25 11.45
C GLU A 81 5.16 6.72 11.53
N THR A 82 5.82 6.07 10.58
CA THR A 82 5.94 4.62 10.63
C THR A 82 6.60 4.19 11.94
N LYS A 83 7.81 4.70 12.20
CA LYS A 83 8.51 4.35 13.44
C LYS A 83 7.65 4.65 14.65
N LEU A 84 6.90 5.76 14.60
CA LEU A 84 6.11 6.16 15.76
C LEU A 84 4.93 5.23 15.99
N PHE A 85 4.30 4.76 14.91
CA PHE A 85 3.09 3.95 15.03
C PHE A 85 3.28 2.47 14.75
N LYS A 86 4.28 2.10 13.95
CA LYS A 86 4.44 0.72 13.50
C LYS A 86 5.79 0.14 13.89
N GLY A 87 6.89 0.69 13.40
CA GLY A 87 8.18 0.30 13.91
C GLY A 87 9.30 0.78 12.99
N GLN A 88 10.51 0.47 13.43
CA GLN A 88 11.71 0.79 12.65
C GLN A 88 11.51 0.41 11.19
N VAL A 89 11.82 1.34 10.31
CA VAL A 89 11.84 1.09 8.88
C VAL A 89 13.28 0.95 8.45
N VAL A 90 13.55 -0.02 7.58
CA VAL A 90 14.91 -0.22 7.10
C VAL A 90 15.28 0.83 6.07
N GLN A 91 14.46 0.96 5.03
CA GLN A 91 14.72 1.90 3.95
C GLN A 91 14.05 3.24 4.22
N THR A 92 14.69 4.30 3.75
CA THR A 92 14.11 5.62 3.87
C THR A 92 12.86 5.73 2.99
N LEU A 93 12.07 6.78 3.26
CA LEU A 93 10.97 7.12 2.36
C LEU A 93 11.47 7.24 0.93
N GLU A 94 12.61 7.90 0.74
CA GLU A 94 13.11 8.11 -0.61
C GLU A 94 13.46 6.79 -1.28
N GLU A 95 14.05 5.86 -0.54
CA GLU A 95 14.36 4.53 -1.08
C GLU A 95 13.09 3.71 -1.31
N ARG A 96 12.19 3.66 -0.30
CA ARG A 96 10.97 2.88 -0.44
C ARG A 96 10.16 3.37 -1.63
N THR A 97 10.15 4.69 -1.87
CA THR A 97 9.38 5.26 -2.97
C THR A 97 10.03 4.96 -4.33
N GLU A 98 11.36 5.07 -4.42
CA GLU A 98 12.03 4.82 -5.69
C GLU A 98 11.79 3.38 -6.17
N THR A 99 11.82 2.40 -5.27
CA THR A 99 11.58 1.02 -5.70
C THR A 99 10.19 0.84 -6.30
N LEU A 100 9.17 1.43 -5.66
CA LEU A 100 7.80 1.31 -6.14
C LEU A 100 7.62 1.88 -7.53
N LYS A 101 8.39 2.92 -7.86
CA LYS A 101 8.40 3.45 -9.21
C LYS A 101 8.58 2.36 -10.26
N HIS A 102 9.26 1.28 -9.93
CA HIS A 102 9.57 0.28 -10.94
C HIS A 102 8.51 -0.81 -11.06
N ILE A 103 7.43 -0.77 -10.27
CA ILE A 103 6.45 -1.85 -10.24
C ILE A 103 5.40 -1.59 -11.30
N ARG A 104 5.15 -2.61 -12.13
CA ARG A 104 4.21 -2.51 -13.24
C ARG A 104 2.82 -2.02 -12.83
N TRP A 105 2.36 -2.37 -11.64
CA TRP A 105 0.96 -2.07 -11.35
C TRP A 105 0.77 -0.63 -10.90
N VAL A 106 1.84 0.05 -10.53
CA VAL A 106 1.76 1.36 -9.87
C VAL A 106 1.61 2.44 -10.92
N ASP A 107 0.52 3.21 -10.84
CA ASP A 107 0.27 4.30 -11.77
C ASP A 107 0.71 5.65 -11.23
N GLU A 108 0.47 5.91 -9.94
CA GLU A 108 0.87 7.16 -9.30
C GLU A 108 1.28 6.84 -7.87
N ILE A 109 2.15 7.68 -7.34
CA ILE A 109 2.62 7.51 -5.97
C ILE A 109 2.40 8.82 -5.21
N ILE A 110 1.93 8.72 -3.98
CA ILE A 110 1.84 9.85 -3.07
C ILE A 110 2.85 9.59 -1.97
N SER A 111 3.89 10.40 -1.91
CA SER A 111 5.02 10.13 -1.03
C SER A 111 5.58 11.42 -0.47
N PRO A 112 5.49 11.65 0.85
CA PRO A 112 4.86 10.73 1.81
C PRO A 112 3.35 10.83 1.74
N CYS A 113 2.67 9.85 2.30
CA CYS A 113 1.22 9.91 2.38
C CYS A 113 0.80 10.09 3.83
N PRO A 114 -0.44 10.52 4.06
CA PRO A 114 -0.89 10.64 5.46
C PRO A 114 -1.05 9.26 6.06
N TRP A 115 -0.74 9.15 7.34
CA TRP A 115 -0.92 7.90 8.03
C TRP A 115 -2.37 7.44 7.94
N VAL A 116 -3.28 8.19 8.54
CA VAL A 116 -4.71 7.86 8.49
C VAL A 116 -5.33 8.53 7.27
N VAL A 117 -5.98 7.72 6.42
CA VAL A 117 -6.79 8.28 5.35
C VAL A 117 -8.02 8.96 5.94
N THR A 118 -8.45 10.04 5.30
CA THR A 118 -9.60 10.81 5.72
C THR A 118 -10.52 11.02 4.51
N PRO A 119 -11.76 11.43 4.77
CA PRO A 119 -12.66 11.74 3.65
C PRO A 119 -12.18 12.88 2.78
N GLU A 120 -11.66 13.95 3.39
CA GLU A 120 -11.09 15.05 2.61
C GLU A 120 -10.02 14.54 1.66
N PHE A 121 -9.11 13.70 2.15
CA PHE A 121 -8.06 13.12 1.32
C PHE A 121 -8.65 12.35 0.13
N LEU A 122 -9.71 11.56 0.36
CA LEU A 122 -10.34 10.85 -0.75
C LEU A 122 -10.83 11.81 -1.81
N GLU A 123 -11.36 12.94 -1.37
CA GLU A 123 -11.92 13.93 -2.28
C GLU A 123 -10.81 14.66 -3.04
N LYS A 124 -9.70 14.95 -2.37
CA LYS A 124 -8.61 15.65 -3.03
C LYS A 124 -8.09 14.86 -4.22
N TYR A 125 -7.92 13.54 -4.06
CA TYR A 125 -7.36 12.68 -5.10
C TYR A 125 -8.43 11.89 -5.86
N LYS A 126 -9.71 12.23 -5.70
CA LYS A 126 -10.80 11.55 -6.40
C LYS A 126 -10.64 10.03 -6.32
N ILE A 127 -10.33 9.56 -5.11
CA ILE A 127 -10.15 8.13 -4.85
C ILE A 127 -11.50 7.44 -4.69
N ASP A 128 -11.68 6.31 -5.37
CA ASP A 128 -12.94 5.56 -5.31
C ASP A 128 -12.92 4.42 -4.30
N TYR A 129 -11.80 3.76 -4.12
CA TYR A 129 -11.63 2.65 -3.20
C TYR A 129 -10.27 2.71 -2.54
N VAL A 130 -10.21 2.21 -1.31
CA VAL A 130 -8.98 2.03 -0.55
C VAL A 130 -8.74 0.53 -0.44
N ALA A 131 -7.56 0.07 -0.86
CA ALA A 131 -7.20 -1.34 -0.81
C ALA A 131 -6.06 -1.56 0.17
N HIS A 132 -6.23 -2.55 1.06
CA HIS A 132 -5.27 -2.91 2.09
C HIS A 132 -5.69 -4.28 2.64
N ASP A 133 -4.75 -5.01 3.24
CA ASP A 133 -5.18 -6.21 3.96
C ASP A 133 -6.07 -5.82 5.14
N ASP A 134 -6.89 -6.77 5.58
CA ASP A 134 -7.96 -6.54 6.54
C ASP A 134 -7.80 -7.49 7.73
N ILE A 135 -7.11 -7.02 8.77
CA ILE A 135 -6.90 -7.85 9.94
C ILE A 135 -7.68 -7.33 11.15
N ASP A 144 -11.59 -0.98 14.37
CA ASP A 144 -11.24 -1.16 12.97
C ASP A 144 -10.95 0.19 12.31
N ILE A 145 -9.69 0.36 11.87
CA ILE A 145 -9.30 1.59 11.22
C ILE A 145 -9.96 1.77 9.85
N TYR A 146 -10.44 0.69 9.25
CA TYR A 146 -11.10 0.78 7.96
C TYR A 146 -12.63 0.68 8.05
N ALA A 147 -13.20 0.74 9.25
CA ALA A 147 -14.65 0.65 9.40
C ALA A 147 -15.36 1.71 8.59
N TRP A 148 -14.94 2.98 8.75
CA TRP A 148 -15.66 4.04 8.07
C TRP A 148 -15.62 3.87 6.56
N LEU A 149 -14.52 3.32 6.01
CA LEU A 149 -14.46 3.09 4.57
C LEU A 149 -15.39 1.94 4.16
N LYS A 150 -15.45 0.87 4.96
CA LYS A 150 -16.39 -0.20 4.66
C LYS A 150 -17.83 0.30 4.72
N ARG A 151 -18.15 1.11 5.74
CA ARG A 151 -19.47 1.70 5.83
C ARG A 151 -19.82 2.48 4.57
N ALA A 152 -18.83 3.11 3.94
CA ALA A 152 -19.05 3.93 2.75
C ALA A 152 -19.00 3.13 1.46
N GLY A 153 -18.70 1.83 1.52
CA GLY A 153 -18.57 1.05 0.30
C GLY A 153 -17.29 1.32 -0.43
N LYS A 154 -16.27 1.82 0.26
CA LYS A 154 -15.05 2.28 -0.38
C LYS A 154 -13.84 1.45 0.01
N PHE A 155 -14.02 0.31 0.65
CA PHE A 155 -12.93 -0.52 1.08
C PHE A 155 -12.88 -1.83 0.28
N LYS A 156 -11.72 -2.13 -0.31
CA LYS A 156 -11.52 -3.36 -1.06
C LYS A 156 -10.38 -4.13 -0.41
N ALA A 157 -10.73 -5.14 0.38
CA ALA A 157 -9.74 -5.91 1.13
C ALA A 157 -8.85 -6.67 0.15
N THR A 158 -7.57 -6.79 0.50
CA THR A 158 -6.61 -7.57 -0.27
C THR A 158 -6.01 -8.61 0.64
N GLN A 159 -5.47 -9.64 0.01
CA GLN A 159 -5.00 -10.80 0.75
C GLN A 159 -3.50 -10.71 0.90
N ARG A 160 -3.02 -10.90 2.13
CA ARG A 160 -1.58 -11.07 2.28
C ARG A 160 -1.18 -12.41 1.68
N THR A 161 0.09 -12.50 1.30
CA THR A 161 0.71 -13.78 1.00
C THR A 161 1.85 -13.94 1.99
N GLU A 162 1.75 -14.91 2.88
CA GLU A 162 2.72 -15.05 3.95
C GLU A 162 3.94 -15.84 3.47
N GLY A 163 5.01 -15.78 4.26
CA GLY A 163 6.20 -16.57 4.00
C GLY A 163 7.05 -16.09 2.83
N VAL A 164 6.77 -14.92 2.29
CA VAL A 164 7.53 -14.46 1.14
C VAL A 164 8.11 -13.09 1.44
N SER A 165 8.40 -12.81 2.70
CA SER A 165 8.97 -11.53 3.06
C SER A 165 10.49 -11.59 2.95
N THR A 166 11.08 -10.48 2.50
CA THR A 166 12.53 -10.34 2.43
C THR A 166 13.23 -10.97 3.62
N THR A 167 12.76 -10.67 4.84
CA THR A 167 13.43 -11.16 6.04
C THR A 167 13.21 -12.65 6.26
N ASP A 168 12.16 -13.23 5.68
CA ASP A 168 12.09 -14.69 5.58
C ASP A 168 13.19 -15.22 4.68
N LEU A 169 13.59 -14.44 3.68
CA LEU A 169 14.64 -14.87 2.77
C LEU A 169 15.99 -14.90 3.46
N ILE A 170 16.27 -13.90 4.31
CA ILE A 170 17.49 -13.93 5.09
C ILE A 170 17.54 -15.20 5.92
N VAL A 171 16.39 -15.63 6.44
CA VAL A 171 16.32 -16.90 7.14
C VAL A 171 16.81 -18.02 6.24
N ARG A 172 16.36 -18.04 4.99
CA ARG A 172 16.77 -19.11 4.08
C ARG A 172 18.28 -19.08 3.86
N ILE A 173 18.86 -17.87 3.70
CA ILE A 173 20.31 -17.75 3.59
C ILE A 173 20.99 -18.50 4.72
N LEU A 174 20.35 -18.56 5.88
CA LEU A 174 20.93 -19.26 7.02
C LEU A 174 20.84 -20.79 6.91
N LYS A 175 20.25 -21.30 5.84
CA LYS A 175 20.21 -22.73 5.56
C LYS A 175 19.86 -23.57 6.80
N1 CTP B . 0.95 -7.20 2.08
N1 CTP B . 0.99 -7.17 2.09
C2 CTP B . 0.57 -8.50 1.65
C2 CTP B . 0.60 -8.48 1.66
N3 CTP B . 1.39 -9.60 1.99
N3 CTP B . 1.42 -9.58 2.01
C4 CTP B . 2.48 -9.37 2.72
C4 CTP B . 2.50 -9.35 2.74
C5 CTP B . 2.88 -8.07 3.19
C5 CTP B . 2.91 -8.04 3.19
C6 CTP B . 2.08 -7.02 2.84
C6 CTP B . 2.10 -6.99 2.84
O2 CTP B . -0.42 -8.63 0.99
O2 CTP B . -0.40 -8.60 1.00
N4 CTP B . 3.24 -10.48 3.03
N4 CTP B . 3.27 -10.45 3.05
C1' CTP B . 0.10 -6.03 1.75
C1' CTP B . 0.14 -5.99 1.75
C2' CTP B . -1.13 -5.93 2.74
C2' CTP B . -1.06 -5.85 2.79
O2' CTP B . -2.32 -6.41 2.12
O2' CTP B . -2.26 -6.35 2.25
C3' CTP B . -1.13 -4.39 3.03
C3' CTP B . -1.05 -4.29 2.99
C4' CTP B . 0.40 -4.15 3.00
C4' CTP B . 0.48 -4.06 2.91
O4' CTP B . 0.83 -4.89 1.83
O4' CTP B . 0.90 -4.86 1.77
O3' CTP B . -1.81 -3.84 1.97
O3' CTP B . -1.75 -3.80 1.91
C5' CTP B . 0.85 -2.66 2.86
C5' CTP B . 0.93 -2.58 2.68
O5' CTP B . 2.15 -2.60 3.01
O5' CTP B . 2.20 -2.47 2.96
PA CTP B . 2.97 -2.54 4.69
PA CTP B . 2.85 -2.67 4.69
O1A CTP B . 4.35 -2.54 4.09
O1A CTP B . 4.11 -1.91 4.41
O2A CTP B . 2.41 -1.22 5.14
O2A CTP B . 1.75 -1.96 5.42
O3A CTP B . 2.59 -3.78 5.51
O3A CTP B . 3.02 -4.18 4.99
PB CTP B . 3.40 -5.21 6.37
PB CTP B . 3.43 -5.29 6.38
O1B CTP B . 4.33 -5.60 5.26
O1B CTP B . 2.04 -5.85 6.58
O2B CTP B . 2.12 -5.94 6.62
O2B CTP B . 3.98 -4.21 7.25
O3B CTP B . 4.19 -4.93 7.67
O3B CTP B . 4.49 -6.41 6.14
PG CTP B . 5.73 -5.29 8.54
PG CTP B . 6.23 -6.73 5.75
O1G CTP B . 6.44 -3.96 8.67
O1G CTP B . 6.63 -5.57 4.88
O2G CTP B . 5.35 -5.92 9.86
O2G CTP B . 7.00 -6.74 7.06
O3G CTP B . 6.40 -6.27 7.59
O3G CTP B . 6.20 -8.08 5.07
H5 CTP B . 3.77 -7.93 3.78
H5 CTP B . 3.81 -7.91 3.79
H6 CTP B . 2.33 -6.01 3.18
H6 CTP B . 2.38 -5.98 3.17
HN41 CTP B . 2.85 -11.40 2.99
HN41 CTP B . 2.88 -11.37 2.98
HN42 CTP B . 4.20 -10.39 3.31
HN42 CTP B . 4.21 -10.36 3.36
H1' CTP B . -0.26 -6.13 0.68
H1' CTP B . -0.26 -6.12 0.70
H2' CTP B . -0.95 -6.54 3.66
H2' CTP B . -0.83 -6.42 3.73
HO2' CTP B . -2.12 -7.30 1.82
HO2' CTP B . -2.07 -7.24 1.95
H3' CTP B . -1.61 -4.08 3.98
H3' CTP B . -1.51 -3.93 3.93
H4' CTP B . 0.84 -4.56 3.94
H4' CTP B . 0.94 -4.42 3.87
HO3' CTP B . -1.20 -3.69 1.26
HO3' CTP B . -1.16 -3.63 1.22
H5'1 CTP B . 0.52 -2.30 1.87
H5'1 CTP B . 0.70 -2.33 1.62
H5'2 CTP B . 0.30 -2.07 3.62
H5'2 CTP B . 0.29 -1.94 3.32
MN MN C . 6.66 -3.03 4.95
#